data_8HR2
#
_entry.id   8HR2
#
_cell.length_a   89.522
_cell.length_b   89.522
_cell.length_c   125.821
_cell.angle_alpha   90.00
_cell.angle_beta   90.00
_cell.angle_gamma   120.00
#
_symmetry.space_group_name_H-M   'P 31 2 1'
#
loop_
_entity.id
_entity.type
_entity.pdbx_description
1 polymer 'Spike protein S1'
2 polymer NB1C6
3 polymer NB1B5
4 water water
#
loop_
_entity_poly.entity_id
_entity_poly.type
_entity_poly.pdbx_seq_one_letter_code
_entity_poly.pdbx_strand_id
1 'polypeptide(L)'
;MFVFLVLLPLVSSQCTNLCPFGEVFNATRFASVYAWNRKRISNCVADYSVLYNSASFSTFKCYGVSPTKLNDLCFTNVYA
DSFVIRGDEVRQIAPGQTGKIADYNYKLPDDFTGCVIAWNSNNLDSKVGGNYNYLYRLFRKSNLKPFERDISTEIYQAGS
TPCNGVEGFNCYFPLQSYGFQPTNGVGYQPYRVVVLSFELLHAPATSRAAADYKDDDDK
;
A
2 'polypeptide(L)'
;QVQLQESGGGSVQAGGRLRLSCAASGDTYSSYCMGWFRQAPGKEREGVAAIYIGGDNTYYADSAKGRFTISQDYDKNTAY
LQMNSLKSEDTAMYYCAAELFCPWPDIGTMSPAEYKYWGQGTQVTVSS
;
B
3 'polypeptide(L)'
;QVQLQESGGGSVQAGGSLRLSCAASGYTYSTYCMGWFRQAPGKEREGVATIDSDGRTRYADSVKGRFTISEDNAKNTLYL
QMNSLKPEDTAMYYCAADSGWVGYSLDPYQYNYWGQGTQVTVSS
;
C
#
# COMPACT_ATOMS: atom_id res chain seq x y z
N CYS A 15 -18.31 -16.35 9.87
CA CYS A 15 -17.99 -15.93 11.24
C CYS A 15 -18.57 -14.55 11.67
N THR A 16 -19.44 -13.97 10.83
CA THR A 16 -20.36 -12.88 11.20
C THR A 16 -19.76 -11.54 11.66
N ASN A 17 -18.64 -11.51 12.37
CA ASN A 17 -18.06 -10.25 12.80
C ASN A 17 -17.44 -9.46 11.63
N LEU A 18 -17.81 -8.17 11.50
CA LEU A 18 -17.51 -7.43 10.27
C LEU A 18 -16.10 -6.84 10.27
N CYS A 19 -15.42 -6.97 9.16
CA CYS A 19 -14.09 -6.42 9.08
C CYS A 19 -14.15 -4.91 9.22
N PRO A 20 -13.32 -4.30 10.05
CA PRO A 20 -13.39 -2.85 10.26
C PRO A 20 -12.69 -2.07 9.15
N PHE A 21 -13.14 -2.28 7.91
CA PHE A 21 -12.47 -1.58 6.82
C PHE A 21 -12.71 -0.08 6.85
N GLY A 22 -13.74 0.39 7.54
CA GLY A 22 -13.97 1.82 7.62
C GLY A 22 -12.86 2.55 8.34
N GLU A 23 -12.25 1.90 9.33
CA GLU A 23 -11.08 2.46 10.00
C GLU A 23 -9.93 2.69 9.03
N VAL A 24 -9.93 2.01 7.88
CA VAL A 24 -8.86 2.18 6.88
C VAL A 24 -9.32 3.19 5.83
N PHE A 25 -10.43 2.89 5.19
CA PHE A 25 -10.82 3.68 4.03
C PHE A 25 -11.36 5.04 4.45
N ASN A 26 -12.15 5.08 5.52
CA ASN A 26 -12.81 6.30 5.95
C ASN A 26 -12.03 7.02 7.04
N ALA A 27 -10.73 6.71 7.23
CA ALA A 27 -9.92 7.47 8.18
C ALA A 27 -9.79 8.91 7.70
N THR A 28 -9.85 9.88 8.63
CA THR A 28 -9.84 11.29 8.20
C THR A 28 -8.45 11.77 7.82
N ARG A 29 -7.43 11.27 8.52
CA ARG A 29 -6.00 11.52 8.29
C ARG A 29 -5.50 10.39 7.38
N PHE A 30 -4.74 10.69 6.33
CA PHE A 30 -3.96 9.61 5.72
C PHE A 30 -2.49 9.90 5.93
N ALA A 31 -1.68 8.83 5.86
CA ALA A 31 -0.25 8.98 6.09
C ALA A 31 0.45 9.62 4.87
N SER A 32 1.58 10.30 5.12
CA SER A 32 2.53 10.55 4.03
C SER A 32 3.08 9.24 3.49
N VAL A 33 3.36 9.22 2.18
CA VAL A 33 3.74 7.95 1.57
C VAL A 33 5.09 7.46 2.09
N TYR A 34 6.00 8.37 2.48
CA TYR A 34 7.28 7.85 2.98
C TYR A 34 7.10 7.16 4.31
N ALA A 35 6.08 7.59 5.06
CA ALA A 35 5.75 7.04 6.37
C ALA A 35 4.45 6.26 6.27
N TRP A 36 4.37 5.40 5.25
CA TRP A 36 3.08 4.77 4.93
C TRP A 36 2.56 3.93 6.11
N ASN A 37 1.24 3.91 6.27
CA ASN A 37 0.55 3.28 7.39
C ASN A 37 0.21 1.83 7.04
N ARG A 38 0.43 0.91 7.99
CA ARG A 38 0.03 -0.49 7.82
C ARG A 38 -0.88 -0.90 8.97
N LYS A 39 -2.09 -1.37 8.64
CA LYS A 39 -3.03 -1.87 9.63
C LYS A 39 -3.29 -3.35 9.37
N ARG A 40 -3.59 -4.08 10.43
CA ARG A 40 -3.96 -5.49 10.25
C ARG A 40 -5.46 -5.64 10.34
N ILE A 41 -6.01 -6.42 9.41
CA ILE A 41 -7.40 -6.88 9.36
C ILE A 41 -7.39 -8.39 9.34
N SER A 42 -8.14 -9.03 10.22
CA SER A 42 -8.07 -10.49 10.21
C SER A 42 -9.32 -11.07 10.82
N ASN A 43 -9.62 -12.33 10.46
CA ASN A 43 -10.58 -13.14 11.17
C ASN A 43 -11.95 -12.46 11.25
N CYS A 44 -12.48 -12.09 10.09
CA CYS A 44 -13.71 -11.31 9.99
C CYS A 44 -14.33 -11.53 8.62
N VAL A 45 -15.59 -11.07 8.46
CA VAL A 45 -16.31 -11.17 7.20
C VAL A 45 -16.54 -9.77 6.65
N ALA A 46 -16.63 -9.69 5.33
CA ALA A 46 -16.94 -8.42 4.68
C ALA A 46 -17.81 -8.70 3.46
N ASP A 47 -18.26 -7.61 2.84
CA ASP A 47 -18.94 -7.61 1.55
C ASP A 47 -18.12 -6.77 0.58
N TYR A 48 -17.50 -7.42 -0.40
CA TYR A 48 -16.35 -6.77 -1.00
C TYR A 48 -16.93 -5.76 -1.96
N SER A 49 -18.17 -6.03 -2.39
CA SER A 49 -18.89 -5.25 -3.39
C SER A 49 -19.40 -3.93 -2.84
N VAL A 50 -19.70 -3.85 -1.53
CA VAL A 50 -19.89 -2.53 -0.96
C VAL A 50 -18.66 -1.68 -1.19
N LEU A 51 -17.49 -2.30 -1.07
CA LEU A 51 -16.27 -1.53 -1.18
C LEU A 51 -15.90 -1.37 -2.67
N TYR A 52 -15.86 -2.47 -3.42
CA TYR A 52 -15.60 -2.46 -4.85
C TYR A 52 -16.53 -1.50 -5.62
N ASN A 53 -17.82 -1.49 -5.29
CA ASN A 53 -18.73 -0.64 -6.06
C ASN A 53 -18.72 0.83 -5.63
N SER A 54 -17.86 1.26 -4.71
CA SER A 54 -17.87 2.66 -4.26
C SER A 54 -17.59 3.61 -5.42
N ALA A 55 -18.38 4.69 -5.50
CA ALA A 55 -18.29 5.57 -6.67
C ALA A 55 -16.99 6.35 -6.67
N SER A 56 -16.45 6.62 -5.48
CA SER A 56 -15.23 7.40 -5.36
C SER A 56 -14.02 6.71 -5.99
N PHE A 57 -13.95 5.38 -5.97
CA PHE A 57 -12.75 4.69 -6.44
C PHE A 57 -12.63 4.82 -7.95
N SER A 58 -11.41 5.05 -8.44
CA SER A 58 -11.13 5.02 -9.87
C SER A 58 -10.22 3.87 -10.23
N THR A 59 -9.63 3.18 -9.24
CA THR A 59 -8.77 2.02 -9.45
C THR A 59 -9.10 0.98 -8.38
N PHE A 60 -9.31 -0.29 -8.77
CA PHE A 60 -9.51 -1.25 -7.70
C PHE A 60 -8.91 -2.49 -8.43
N LYS A 61 -7.62 -2.74 -8.29
CA LYS A 61 -6.95 -3.75 -9.12
C LYS A 61 -6.57 -4.93 -8.26
N CYS A 62 -6.73 -6.17 -8.76
CA CYS A 62 -6.36 -7.35 -7.96
C CYS A 62 -5.39 -8.26 -8.71
N TYR A 63 -4.25 -8.55 -8.09
CA TYR A 63 -3.17 -9.35 -8.66
C TYR A 63 -3.13 -10.72 -7.98
N GLY A 64 -3.23 -11.80 -8.76
CA GLY A 64 -3.08 -13.14 -8.24
C GLY A 64 -4.15 -13.53 -7.25
N VAL A 65 -5.24 -12.76 -7.19
CA VAL A 65 -6.35 -13.05 -6.31
C VAL A 65 -7.58 -12.39 -6.93
N SER A 66 -8.74 -13.01 -6.72
CA SER A 66 -10.00 -12.37 -7.09
C SER A 66 -10.47 -11.48 -5.95
N PRO A 67 -11.12 -10.35 -6.25
CA PRO A 67 -11.58 -9.47 -5.16
C PRO A 67 -12.63 -10.12 -4.26
N THR A 68 -13.30 -11.17 -4.73
CA THR A 68 -14.26 -11.89 -3.90
C THR A 68 -13.58 -12.55 -2.72
N LYS A 69 -12.26 -12.73 -2.76
CA LYS A 69 -11.57 -13.38 -1.66
C LYS A 69 -11.52 -12.48 -0.43
N LEU A 70 -11.96 -11.23 -0.55
CA LEU A 70 -12.16 -10.31 0.56
C LEU A 70 -13.44 -10.57 1.34
N ASN A 71 -14.32 -11.41 0.84
CA ASN A 71 -15.51 -11.74 1.63
C ASN A 71 -15.12 -12.55 2.86
N ASP A 72 -14.41 -13.64 2.65
CA ASP A 72 -14.19 -14.64 3.68
C ASP A 72 -12.77 -14.50 4.20
N LEU A 73 -12.61 -13.62 5.16
CA LEU A 73 -11.33 -13.50 5.87
C LEU A 73 -11.38 -14.21 7.21
N CYS A 74 -12.30 -15.17 7.39
CA CYS A 74 -12.51 -15.76 8.71
C CYS A 74 -11.25 -16.43 9.25
N PHE A 75 -10.36 -16.91 8.38
CA PHE A 75 -9.14 -17.58 8.86
C PHE A 75 -7.91 -16.99 8.19
N THR A 76 -7.95 -15.70 7.84
CA THR A 76 -6.94 -15.04 7.02
C THR A 76 -6.53 -13.75 7.71
N ASN A 77 -5.25 -13.37 7.60
CA ASN A 77 -4.74 -12.08 8.01
C ASN A 77 -4.42 -11.24 6.78
N VAL A 78 -4.93 -10.02 6.75
CA VAL A 78 -4.72 -9.08 5.66
C VAL A 78 -4.01 -7.86 6.21
N TYR A 79 -3.05 -7.31 5.46
CA TYR A 79 -2.46 -6.03 5.80
C TYR A 79 -3.06 -4.99 4.87
N ALA A 80 -3.46 -3.85 5.45
CA ALA A 80 -3.96 -2.72 4.66
C ALA A 80 -2.99 -1.58 4.81
N ASP A 81 -2.32 -1.24 3.71
CA ASP A 81 -1.36 -0.16 3.69
C ASP A 81 -2.05 1.06 3.07
N SER A 82 -1.80 2.25 3.62
CA SER A 82 -2.52 3.43 3.12
C SER A 82 -1.62 4.68 3.20
N PHE A 83 -1.89 5.62 2.29
CA PHE A 83 -1.06 6.81 2.11
C PHE A 83 -1.63 7.65 0.98
N VAL A 84 -1.02 8.82 0.77
CA VAL A 84 -1.45 9.79 -0.24
C VAL A 84 -0.27 10.02 -1.16
N ILE A 85 -0.54 10.00 -2.48
CA ILE A 85 0.42 10.40 -3.53
C ILE A 85 -0.32 11.26 -4.54
N ARG A 86 0.42 11.76 -5.55
CA ARG A 86 -0.14 12.50 -6.69
C ARG A 86 -0.78 11.54 -7.67
N GLY A 87 -1.78 12.04 -8.42
CA GLY A 87 -2.53 11.20 -9.34
C GLY A 87 -1.64 10.49 -10.36
N ASP A 88 -0.67 11.20 -10.90
CA ASP A 88 0.23 10.61 -11.89
C ASP A 88 1.25 9.65 -11.30
N GLU A 89 1.21 9.38 -9.98
CA GLU A 89 2.07 8.40 -9.33
C GLU A 89 1.34 7.11 -8.98
N VAL A 90 0.01 7.09 -9.06
CA VAL A 90 -0.73 5.88 -8.74
C VAL A 90 -0.25 4.70 -9.58
N ARG A 91 0.11 4.96 -10.84
CA ARG A 91 0.63 3.90 -11.72
C ARG A 91 1.83 3.19 -11.12
N GLN A 92 2.55 3.82 -10.17
CA GLN A 92 3.75 3.20 -9.61
C GLN A 92 3.45 2.21 -8.52
N ILE A 93 2.23 2.22 -7.97
CA ILE A 93 1.83 1.28 -6.93
C ILE A 93 1.40 0.01 -7.66
N ALA A 94 2.38 -0.75 -8.17
CA ALA A 94 2.13 -1.94 -8.98
C ALA A 94 3.41 -2.76 -8.98
N PRO A 95 3.33 -4.09 -9.16
CA PRO A 95 4.57 -4.87 -9.33
C PRO A 95 5.42 -4.34 -10.49
N GLY A 96 6.74 -4.34 -10.29
CA GLY A 96 7.64 -4.12 -11.42
C GLY A 96 7.76 -2.68 -11.88
N GLN A 97 7.30 -1.72 -11.11
CA GLN A 97 7.34 -0.32 -11.52
C GLN A 97 8.57 0.34 -10.92
N THR A 98 9.00 1.41 -11.59
CA THR A 98 10.08 2.27 -11.17
C THR A 98 9.62 3.75 -11.16
N GLY A 99 10.30 4.56 -10.39
CA GLY A 99 9.95 5.96 -10.18
C GLY A 99 10.23 6.30 -8.73
N LYS A 100 10.15 7.60 -8.41
CA LYS A 100 10.43 8.07 -7.05
C LYS A 100 9.64 7.31 -5.99
N ILE A 101 8.39 6.98 -6.31
CA ILE A 101 7.55 6.36 -5.29
C ILE A 101 7.92 4.90 -5.13
N ALA A 102 7.93 4.15 -6.25
CA ALA A 102 8.33 2.74 -6.15
C ALA A 102 9.77 2.59 -5.64
N ASP A 103 10.69 3.46 -6.05
CA ASP A 103 12.07 3.26 -5.63
C ASP A 103 12.33 3.68 -4.19
N TYR A 104 11.75 4.79 -3.76
CA TYR A 104 12.20 5.45 -2.54
C TYR A 104 11.16 5.55 -1.44
N ASN A 105 9.89 5.21 -1.72
CA ASN A 105 8.81 5.43 -0.74
C ASN A 105 7.99 4.18 -0.42
N TYR A 106 7.48 3.47 -1.44
CA TYR A 106 6.61 2.30 -1.19
C TYR A 106 6.75 1.35 -2.38
N LYS A 107 7.27 0.15 -2.12
CA LYS A 107 7.64 -0.83 -3.14
C LYS A 107 6.82 -2.10 -2.99
N LEU A 108 6.13 -2.51 -4.07
CA LEU A 108 5.46 -3.82 -4.03
C LEU A 108 6.41 -4.89 -4.58
N PRO A 109 6.35 -6.13 -4.10
CA PRO A 109 7.24 -7.17 -4.65
C PRO A 109 6.80 -7.60 -6.04
N ASP A 110 7.74 -8.20 -6.76
CA ASP A 110 7.46 -8.59 -8.15
C ASP A 110 6.35 -9.62 -8.20
N ASP A 111 6.20 -10.44 -7.15
CA ASP A 111 5.20 -11.50 -7.14
C ASP A 111 4.01 -11.13 -6.27
N PHE A 112 3.71 -9.83 -6.14
CA PHE A 112 2.62 -9.30 -5.34
C PHE A 112 1.32 -10.05 -5.57
N THR A 113 0.66 -10.45 -4.49
CA THR A 113 -0.70 -10.96 -4.59
C THR A 113 -1.52 -10.11 -3.65
N GLY A 114 -2.52 -9.42 -4.19
CA GLY A 114 -3.25 -8.48 -3.37
C GLY A 114 -4.01 -7.52 -4.27
N CYS A 115 -4.48 -6.44 -3.67
CA CYS A 115 -5.28 -5.48 -4.42
C CYS A 115 -4.78 -4.07 -4.17
N VAL A 116 -4.92 -3.22 -5.19
CA VAL A 116 -4.51 -1.82 -5.12
C VAL A 116 -5.76 -0.98 -5.42
N ILE A 117 -6.12 -0.11 -4.48
CA ILE A 117 -7.33 0.71 -4.57
C ILE A 117 -6.92 2.17 -4.47
N ALA A 118 -7.47 3.02 -5.33
CA ALA A 118 -7.13 4.44 -5.29
C ALA A 118 -8.32 5.31 -5.65
N TRP A 119 -8.35 6.50 -5.07
CA TRP A 119 -9.42 7.44 -5.33
C TRP A 119 -8.92 8.87 -5.21
N ASN A 120 -9.41 9.74 -6.09
CA ASN A 120 -9.07 11.15 -6.04
C ASN A 120 -9.55 11.74 -4.72
N SER A 121 -8.66 12.39 -3.96
CA SER A 121 -9.03 12.95 -2.67
C SER A 121 -8.84 14.47 -2.63
N ASN A 122 -8.96 15.15 -3.78
CA ASN A 122 -8.77 16.59 -3.84
C ASN A 122 -9.69 17.33 -2.87
N ASN A 123 -10.93 16.88 -2.73
CA ASN A 123 -11.86 17.57 -1.82
C ASN A 123 -11.36 17.51 -0.38
N LEU A 124 -10.65 16.44 -0.02
CA LEU A 124 -10.27 16.25 1.39
C LEU A 124 -8.87 16.79 1.68
N ASP A 125 -7.95 16.61 0.74
CA ASP A 125 -6.53 16.78 0.97
C ASP A 125 -5.92 18.02 0.35
N SER A 126 -6.65 18.80 -0.42
CA SER A 126 -6.13 20.08 -0.91
C SER A 126 -6.67 21.22 -0.04
N LYS A 127 -5.94 22.33 -0.02
CA LYS A 127 -6.26 23.55 0.73
C LYS A 127 -5.96 24.75 -0.16
N VAL A 128 -6.73 25.82 0.02
CA VAL A 128 -6.61 27.00 -0.84
C VAL A 128 -5.16 27.50 -0.90
N GLY A 129 -4.48 27.59 0.24
CA GLY A 129 -3.12 28.04 0.01
C GLY A 129 -2.12 26.96 -0.39
N GLY A 130 -2.58 25.71 -0.50
CA GLY A 130 -1.68 24.59 -0.69
C GLY A 130 -1.61 23.77 0.57
N ASN A 131 -1.76 22.46 0.46
CA ASN A 131 -1.57 21.60 1.62
C ASN A 131 -0.15 21.06 1.55
N TYR A 132 0.68 21.46 2.51
CA TYR A 132 2.06 21.01 2.54
C TYR A 132 2.27 19.87 3.55
N ASN A 133 1.19 19.34 4.12
CA ASN A 133 1.33 18.32 5.14
C ASN A 133 1.85 16.99 4.59
N TYR A 134 1.56 16.65 3.33
CA TYR A 134 1.93 15.35 2.78
C TYR A 134 3.30 15.45 2.11
N LEU A 135 4.21 14.52 2.45
CA LEU A 135 5.60 14.51 2.06
C LEU A 135 5.95 13.21 1.30
N TYR A 136 7.01 13.25 0.52
CA TYR A 136 7.52 12.04 -0.10
C TYR A 136 9.03 12.10 -0.07
N ARG A 137 9.70 10.95 -0.15
CA ARG A 137 11.16 10.94 -0.12
C ARG A 137 11.69 11.09 -1.53
N LEU A 138 12.59 12.04 -1.73
CA LEU A 138 13.02 12.34 -3.09
C LEU A 138 14.34 11.66 -3.41
N PHE A 139 15.09 11.23 -2.40
CA PHE A 139 16.44 10.72 -2.62
C PHE A 139 16.72 9.59 -1.66
N ARG A 140 17.54 8.65 -2.12
CA ARG A 140 17.94 7.56 -1.25
C ARG A 140 19.18 6.92 -1.87
N LYS A 141 20.07 6.38 -1.03
CA LYS A 141 21.26 5.72 -1.57
C LYS A 141 20.97 4.40 -2.30
N SER A 142 19.81 3.77 -2.06
CA SER A 142 19.50 2.50 -2.74
C SER A 142 17.98 2.34 -2.78
N ASN A 143 17.48 1.46 -3.66
CA ASN A 143 16.03 1.28 -3.75
C ASN A 143 15.48 0.55 -2.52
N LEU A 144 14.23 0.86 -2.16
CA LEU A 144 13.54 0.13 -1.09
C LEU A 144 13.34 -1.34 -1.50
N LYS A 145 13.43 -2.23 -0.53
CA LYS A 145 13.00 -3.61 -0.65
C LYS A 145 11.47 -3.66 -0.56
N PRO A 146 10.84 -4.80 -0.89
CA PRO A 146 9.36 -4.84 -0.89
C PRO A 146 8.80 -4.64 0.50
N PHE A 147 7.79 -3.74 0.60
CA PHE A 147 7.12 -3.40 1.87
C PHE A 147 8.09 -2.85 2.91
N GLU A 148 9.19 -2.25 2.46
CA GLU A 148 10.14 -1.60 3.36
C GLU A 148 9.67 -0.17 3.61
N ARG A 149 9.87 0.29 4.84
CA ARG A 149 9.57 1.64 5.28
C ARG A 149 10.85 2.37 5.71
N ASP A 150 11.07 3.57 5.17
CA ASP A 150 12.25 4.35 5.57
C ASP A 150 11.70 5.66 6.10
N ILE A 151 11.82 5.88 7.42
CA ILE A 151 11.36 7.09 8.05
C ILE A 151 12.51 7.94 8.55
N SER A 152 13.73 7.67 8.11
CA SER A 152 14.88 8.46 8.53
C SER A 152 14.81 9.88 7.96
N THR A 153 15.52 10.79 8.61
CA THR A 153 15.53 12.19 8.19
C THR A 153 16.96 12.71 8.07
N GLU A 154 17.90 11.87 7.60
CA GLU A 154 19.28 12.30 7.54
C GLU A 154 19.52 13.10 6.27
N ILE A 155 20.44 14.07 6.34
CA ILE A 155 20.67 14.93 5.17
C ILE A 155 21.29 14.08 4.08
N TYR A 156 20.78 14.20 2.87
CA TYR A 156 21.28 13.37 1.76
C TYR A 156 22.45 14.06 1.10
N GLN A 157 23.57 13.34 1.03
CA GLN A 157 24.78 13.88 0.44
C GLN A 157 24.79 13.58 -1.06
N ALA A 158 24.53 14.60 -1.88
CA ALA A 158 24.49 14.45 -3.32
C ALA A 158 25.82 14.68 -3.98
N GLY A 159 26.70 15.48 -3.37
CA GLY A 159 27.99 15.82 -3.92
C GLY A 159 29.11 15.13 -3.17
N SER A 160 30.28 15.75 -3.19
CA SER A 160 31.44 15.15 -2.53
C SER A 160 31.72 15.73 -1.14
N THR A 161 30.94 16.70 -0.69
CA THR A 161 31.23 17.37 0.57
C THR A 161 30.32 16.81 1.65
N PRO A 162 30.86 16.37 2.80
CA PRO A 162 29.99 15.84 3.87
C PRO A 162 29.03 16.90 4.39
N CYS A 163 27.85 16.45 4.81
CA CYS A 163 26.75 17.37 5.10
C CYS A 163 26.77 17.94 6.52
N ASN A 164 27.30 17.20 7.48
CA ASN A 164 27.43 17.70 8.86
C ASN A 164 26.05 18.03 9.46
N GLY A 165 24.97 17.42 8.95
CA GLY A 165 23.64 17.63 9.52
C GLY A 165 22.78 18.81 9.08
N VAL A 166 23.20 19.68 8.14
CA VAL A 166 22.39 20.84 7.73
C VAL A 166 22.33 20.84 6.18
N GLU A 167 21.51 21.70 5.52
CA GLU A 167 21.16 21.59 4.08
C GLU A 167 22.64 21.91 3.64
N GLY A 168 23.03 21.67 2.39
CA GLY A 168 24.17 22.42 1.86
C GLY A 168 24.04 22.60 0.35
N PHE A 169 25.10 23.12 -0.27
CA PHE A 169 25.07 23.31 -1.71
C PHE A 169 24.62 22.04 -2.42
N ASN A 170 25.09 20.89 -1.98
CA ASN A 170 24.64 19.62 -2.57
C ASN A 170 24.34 18.61 -1.47
N CYS A 171 23.79 19.09 -0.36
CA CYS A 171 23.39 18.27 0.78
C CYS A 171 21.94 18.60 1.05
N TYR A 172 21.04 17.68 0.81
CA TYR A 172 19.61 17.99 0.74
C TYR A 172 18.85 17.26 1.84
N PHE A 173 17.89 17.95 2.47
CA PHE A 173 16.94 17.19 3.30
C PHE A 173 16.11 16.30 2.37
N PRO A 174 15.93 15.01 2.69
CA PRO A 174 15.41 14.09 1.67
C PRO A 174 13.91 14.05 1.49
N LEU A 175 13.11 14.71 2.34
CA LEU A 175 11.65 14.64 2.25
C LEU A 175 11.17 15.95 1.64
N GLN A 176 10.27 15.87 0.68
CA GLN A 176 9.78 17.02 -0.05
C GLN A 176 8.28 17.06 0.10
N SER A 177 7.72 18.24 0.21
CA SER A 177 6.28 18.38 0.34
C SER A 177 5.61 18.37 -1.02
N TYR A 178 4.51 17.64 -1.15
CA TYR A 178 3.66 17.82 -2.33
C TYR A 178 3.02 19.21 -2.30
N GLY A 179 2.69 19.74 -3.47
CA GLY A 179 1.86 20.94 -3.47
C GLY A 179 0.46 20.68 -2.93
N PHE A 180 -0.40 20.08 -3.76
CA PHE A 180 -1.83 19.95 -3.52
C PHE A 180 -2.45 21.32 -3.28
N GLN A 181 -2.58 22.02 -4.36
CA GLN A 181 -3.37 23.20 -4.65
C GLN A 181 -4.68 22.70 -5.26
N PRO A 182 -5.86 23.13 -4.79
CA PRO A 182 -7.10 22.56 -5.37
C PRO A 182 -7.27 22.81 -6.86
N THR A 183 -6.58 23.80 -7.44
CA THR A 183 -6.63 24.06 -8.87
C THR A 183 -5.62 23.25 -9.69
N ASN A 184 -4.88 22.34 -9.06
CA ASN A 184 -3.95 21.49 -9.79
C ASN A 184 -4.66 20.69 -10.86
N GLY A 185 -3.97 20.42 -11.97
CA GLY A 185 -4.43 19.38 -12.87
C GLY A 185 -4.58 18.05 -12.14
N VAL A 186 -5.37 17.14 -12.72
CA VAL A 186 -5.75 15.93 -11.98
C VAL A 186 -4.51 15.08 -11.68
N GLY A 187 -3.54 15.06 -12.59
CA GLY A 187 -2.32 14.32 -12.35
C GLY A 187 -1.58 14.81 -11.13
N TYR A 188 -1.82 16.06 -10.75
CA TYR A 188 -1.14 16.67 -9.63
C TYR A 188 -2.06 16.78 -8.41
N GLN A 189 -3.26 16.25 -8.49
CA GLN A 189 -4.13 16.26 -7.33
C GLN A 189 -3.79 15.09 -6.41
N PRO A 190 -4.14 15.18 -5.11
CA PRO A 190 -3.86 14.07 -4.20
C PRO A 190 -4.79 12.90 -4.48
N TYR A 191 -4.25 11.69 -4.39
CA TYR A 191 -5.04 10.46 -4.41
C TYR A 191 -4.76 9.69 -3.14
N ARG A 192 -5.81 9.20 -2.50
CA ARG A 192 -5.64 8.27 -1.39
C ARG A 192 -5.50 6.87 -1.96
N VAL A 193 -4.60 6.08 -1.37
CA VAL A 193 -4.32 4.73 -1.85
C VAL A 193 -4.41 3.75 -0.69
N VAL A 194 -5.06 2.60 -0.92
CA VAL A 194 -5.04 1.47 -0.01
C VAL A 194 -4.54 0.26 -0.76
N VAL A 195 -3.56 -0.44 -0.20
CA VAL A 195 -3.05 -1.70 -0.75
C VAL A 195 -3.44 -2.82 0.21
N LEU A 196 -4.09 -3.86 -0.30
CA LEU A 196 -4.52 -4.99 0.52
C LEU A 196 -3.66 -6.19 0.14
N SER A 197 -2.99 -6.79 1.12
CA SER A 197 -2.22 -8.01 0.90
C SER A 197 -2.40 -8.98 2.08
N PHE A 198 -1.85 -10.19 1.93
CA PHE A 198 -1.99 -11.25 2.93
C PHE A 198 -0.70 -11.47 3.74
N GLU A 199 -0.84 -11.77 5.02
CA GLU A 199 0.23 -12.29 5.86
C GLU A 199 0.04 -13.78 6.04
N LEU A 200 1.13 -14.53 6.31
CA LEU A 200 0.96 -15.83 6.98
C LEU A 200 1.49 -15.85 8.43
N GLN B 1 16.28 -14.45 6.43
CA GLN B 1 17.72 -14.30 6.53
C GLN B 1 18.06 -13.24 7.59
N VAL B 2 17.23 -13.13 8.61
CA VAL B 2 17.55 -12.33 9.79
C VAL B 2 17.96 -13.27 10.92
N GLN B 3 18.98 -12.88 11.66
CA GLN B 3 19.37 -13.66 12.83
C GLN B 3 19.35 -12.75 14.04
N LEU B 4 18.97 -13.33 15.17
CA LEU B 4 18.83 -12.65 16.46
C LEU B 4 19.76 -13.32 17.46
N GLN B 5 20.59 -12.54 18.15
CA GLN B 5 21.40 -13.09 19.24
C GLN B 5 20.98 -12.37 20.51
N GLU B 6 20.68 -13.13 21.56
CA GLU B 6 20.13 -12.52 22.76
C GLU B 6 21.21 -12.58 23.84
N SER B 7 21.25 -11.55 24.69
CA SER B 7 22.19 -11.53 25.79
C SER B 7 21.44 -11.16 27.06
N GLY B 8 21.97 -11.62 28.18
CA GLY B 8 21.35 -11.41 29.47
C GLY B 8 20.54 -12.61 29.89
N GLY B 9 19.99 -12.51 31.10
CA GLY B 9 19.26 -13.59 31.73
C GLY B 9 19.82 -13.86 33.10
N GLY B 10 19.18 -14.78 33.81
CA GLY B 10 19.73 -15.26 35.07
C GLY B 10 18.74 -15.17 36.21
N SER B 11 19.24 -15.41 37.42
CA SER B 11 18.45 -15.31 38.64
C SER B 11 18.56 -13.92 39.24
N VAL B 12 17.46 -13.45 39.82
CA VAL B 12 17.37 -12.11 40.41
C VAL B 12 16.47 -12.21 41.62
N GLN B 13 16.79 -11.50 42.70
CA GLN B 13 15.81 -11.38 43.77
C GLN B 13 14.69 -10.42 43.47
N ALA B 14 13.55 -10.70 44.08
CA ALA B 14 12.36 -9.88 43.90
C ALA B 14 12.66 -8.45 44.33
N GLY B 15 12.26 -7.50 43.51
CA GLY B 15 12.66 -6.12 43.69
C GLY B 15 13.90 -5.72 42.93
N GLY B 16 14.68 -6.68 42.45
CA GLY B 16 15.89 -6.41 41.70
C GLY B 16 15.64 -6.06 40.24
N ARG B 17 16.76 -5.99 39.50
CA ARG B 17 16.84 -5.49 38.13
C ARG B 17 17.62 -6.45 37.25
N LEU B 18 17.29 -6.46 35.97
CA LEU B 18 17.97 -7.27 34.97
C LEU B 18 17.73 -6.62 33.63
N ARG B 19 18.74 -6.64 32.74
CA ARG B 19 18.62 -6.09 31.39
C ARG B 19 18.86 -7.20 30.38
N LEU B 20 17.97 -7.31 29.39
CA LEU B 20 18.17 -8.23 28.29
C LEU B 20 18.53 -7.43 27.05
N SER B 21 19.24 -8.08 26.15
CA SER B 21 19.76 -7.52 24.91
C SER B 21 19.34 -8.41 23.74
N CYS B 22 19.03 -7.80 22.59
CA CYS B 22 18.73 -8.56 21.37
C CYS B 22 19.33 -7.82 20.17
N ALA B 23 20.29 -8.44 19.51
CA ALA B 23 20.95 -7.83 18.35
C ALA B 23 20.50 -8.55 17.10
N ALA B 24 19.98 -7.80 16.13
CA ALA B 24 19.53 -8.35 14.86
C ALA B 24 20.62 -8.17 13.82
N SER B 25 20.88 -9.22 13.06
CA SER B 25 21.86 -9.20 11.99
C SER B 25 21.24 -9.78 10.72
N GLY B 26 21.99 -9.65 9.64
CA GLY B 26 21.56 -10.09 8.32
C GLY B 26 20.77 -9.01 7.62
N ASP B 27 19.75 -9.45 6.90
CA ASP B 27 19.01 -8.64 5.93
C ASP B 27 17.89 -7.84 6.57
N THR B 28 18.20 -7.08 7.62
CA THR B 28 17.22 -6.25 8.30
C THR B 28 16.79 -5.09 7.40
N TYR B 29 15.64 -4.51 7.72
CA TYR B 29 15.15 -3.37 6.94
C TYR B 29 15.56 -2.03 7.56
N SER B 30 15.31 -0.95 6.82
CA SER B 30 15.59 0.42 7.31
C SER B 30 14.93 0.67 8.66
N SER B 31 13.70 0.18 8.83
CA SER B 31 13.04 0.22 10.13
C SER B 31 12.17 -1.03 10.20
N TYR B 32 11.87 -1.52 11.42
CA TYR B 32 11.17 -2.80 11.60
C TYR B 32 10.88 -2.95 13.09
N CYS B 33 10.02 -3.94 13.43
CA CYS B 33 9.66 -4.15 14.84
C CYS B 33 10.61 -5.15 15.49
N MET B 34 10.93 -4.91 16.74
CA MET B 34 11.58 -5.90 17.60
C MET B 34 10.84 -5.90 18.93
N GLY B 35 10.89 -7.02 19.62
CA GLY B 35 10.22 -7.04 20.92
C GLY B 35 10.51 -8.34 21.66
N TRP B 36 9.84 -8.51 22.79
CA TRP B 36 10.01 -9.71 23.59
C TRP B 36 8.65 -10.30 23.87
N PHE B 37 8.60 -11.62 23.92
CA PHE B 37 7.51 -12.33 24.56
C PHE B 37 8.11 -13.25 25.62
N ARG B 38 7.26 -13.77 26.50
CA ARG B 38 7.74 -14.63 27.58
C ARG B 38 6.82 -15.84 27.71
N GLN B 39 7.34 -16.91 28.29
CA GLN B 39 6.55 -18.12 28.47
C GLN B 39 6.95 -18.80 29.76
N ALA B 40 6.00 -18.92 30.69
CA ALA B 40 6.21 -19.70 31.91
C ALA B 40 5.90 -21.17 31.61
N PRO B 41 6.54 -22.12 32.31
CA PRO B 41 6.27 -23.53 32.03
C PRO B 41 4.81 -23.90 32.29
N GLY B 42 4.18 -24.49 31.30
CA GLY B 42 2.77 -24.81 31.38
C GLY B 42 1.84 -23.71 30.92
N LYS B 43 2.33 -22.51 30.61
CA LYS B 43 1.45 -21.45 30.12
C LYS B 43 1.76 -21.04 28.68
N GLU B 44 0.96 -20.11 28.19
CA GLU B 44 1.00 -19.62 26.83
C GLU B 44 2.05 -18.52 26.69
N ARG B 45 2.52 -18.31 25.46
CA ARG B 45 3.37 -17.17 25.17
C ARG B 45 2.58 -15.90 25.43
N GLU B 46 3.28 -14.87 25.94
CA GLU B 46 2.64 -13.58 26.22
C GLU B 46 3.57 -12.47 25.80
N GLY B 47 3.04 -11.48 25.09
CA GLY B 47 3.83 -10.33 24.69
C GLY B 47 4.19 -9.49 25.92
N VAL B 48 5.43 -9.00 25.92
CA VAL B 48 5.98 -8.15 27.01
C VAL B 48 6.10 -6.69 26.56
N ALA B 49 6.87 -6.43 25.51
CA ALA B 49 7.06 -5.06 25.01
C ALA B 49 7.58 -5.13 23.59
N ALA B 50 7.39 -4.02 22.85
CA ALA B 50 7.82 -3.97 21.47
C ALA B 50 8.34 -2.57 21.18
N ILE B 51 9.22 -2.49 20.19
CA ILE B 51 9.77 -1.20 19.80
C ILE B 51 9.94 -1.19 18.29
N TYR B 52 9.78 -0.01 17.68
CA TYR B 52 9.99 0.11 16.24
C TYR B 52 11.42 0.61 16.03
N ILE B 53 12.30 -0.32 15.62
CA ILE B 53 13.69 0.05 15.32
C ILE B 53 13.70 1.05 14.17
N GLY B 54 14.37 2.20 14.36
CA GLY B 54 14.36 3.27 13.38
C GLY B 54 13.34 4.34 13.67
N GLY B 55 12.44 4.09 14.62
CA GLY B 55 11.44 5.08 15.01
C GLY B 55 11.46 5.29 16.51
N ASP B 56 10.42 5.89 17.06
CA ASP B 56 10.33 5.99 18.50
C ASP B 56 9.15 5.23 19.11
N ASN B 57 8.38 4.50 18.31
CA ASN B 57 7.16 3.84 18.81
C ASN B 57 7.52 2.71 19.75
N THR B 58 6.79 2.61 20.87
CA THR B 58 6.95 1.52 21.82
C THR B 58 5.58 1.05 22.26
N TYR B 59 5.50 -0.18 22.76
CA TYR B 59 4.25 -0.65 23.32
C TYR B 59 4.57 -1.58 24.48
N TYR B 60 3.76 -1.52 25.54
CA TYR B 60 4.01 -2.35 26.71
C TYR B 60 2.77 -3.13 27.07
N ALA B 61 2.94 -4.41 27.39
CA ALA B 61 1.87 -5.14 28.05
C ALA B 61 1.55 -4.52 29.41
N ASP B 62 0.32 -4.71 29.85
CA ASP B 62 -0.11 -4.09 31.11
C ASP B 62 0.80 -4.54 32.26
N SER B 63 1.22 -5.80 32.23
CA SER B 63 2.05 -6.35 33.31
C SER B 63 3.45 -5.73 33.32
N ALA B 64 3.87 -5.05 32.26
CA ALA B 64 5.19 -4.42 32.22
C ALA B 64 5.19 -2.94 32.53
N LYS B 65 4.04 -2.25 32.48
CA LYS B 65 4.06 -0.78 32.57
C LYS B 65 4.57 -0.30 33.91
N GLY B 66 5.32 0.81 33.88
CA GLY B 66 5.92 1.32 35.09
C GLY B 66 7.05 0.49 35.64
N ARG B 67 7.45 -0.57 34.95
CA ARG B 67 8.54 -1.38 35.50
C ARG B 67 9.61 -1.69 34.47
N PHE B 68 9.20 -1.93 33.23
CA PHE B 68 10.13 -2.31 32.18
C PHE B 68 10.27 -1.15 31.22
N THR B 69 11.44 -1.05 30.59
CA THR B 69 11.62 -0.02 29.57
C THR B 69 12.26 -0.68 28.37
N ILE B 70 11.69 -0.51 27.18
CA ILE B 70 12.31 -1.00 25.96
C ILE B 70 12.96 0.19 25.25
N SER B 71 14.16 -0.01 24.71
CA SER B 71 14.91 1.04 24.02
C SER B 71 15.75 0.39 22.93
N GLN B 72 16.44 1.23 22.15
CA GLN B 72 17.20 0.71 21.01
C GLN B 72 18.52 1.46 20.84
N ASP B 73 19.45 0.81 20.15
CA ASP B 73 20.61 1.49 19.60
C ASP B 73 20.50 1.20 18.10
N TYR B 74 19.99 2.17 17.35
CA TYR B 74 19.66 1.90 15.96
C TYR B 74 20.90 1.49 15.15
N ASP B 75 22.03 2.18 15.39
CA ASP B 75 23.23 1.93 14.62
C ASP B 75 23.76 0.51 14.85
N LYS B 76 23.50 -0.06 16.04
CA LYS B 76 23.87 -1.46 16.26
C LYS B 76 22.73 -2.45 16.01
N ASN B 77 21.56 -2.01 15.52
CA ASN B 77 20.45 -2.91 15.24
C ASN B 77 20.08 -3.76 16.46
N THR B 78 20.04 -3.13 17.63
CA THR B 78 19.98 -3.79 18.92
C THR B 78 18.88 -3.15 19.75
N ALA B 79 18.04 -3.98 20.38
CA ALA B 79 17.03 -3.53 21.32
C ALA B 79 17.45 -3.94 22.73
N TYR B 80 16.98 -3.18 23.72
CA TYR B 80 17.24 -3.52 25.12
C TYR B 80 15.94 -3.53 25.89
N LEU B 81 15.80 -4.49 26.80
CA LEU B 81 14.67 -4.53 27.73
C LEU B 81 15.22 -4.42 29.14
N GLN B 82 15.06 -3.25 29.75
CA GLN B 82 15.45 -3.07 31.14
C GLN B 82 14.26 -3.44 32.03
N MET B 83 14.42 -4.47 32.84
CA MET B 83 13.36 -4.89 33.75
C MET B 83 13.71 -4.46 35.18
N ASN B 84 12.91 -3.56 35.75
CA ASN B 84 13.05 -3.10 37.12
C ASN B 84 11.94 -3.67 37.98
N SER B 85 12.14 -3.62 39.30
CA SER B 85 11.09 -3.98 40.25
C SER B 85 10.52 -5.37 39.96
N LEU B 86 11.39 -6.35 39.70
CA LEU B 86 10.97 -7.68 39.29
C LEU B 86 10.14 -8.37 40.37
N LYS B 87 9.16 -9.17 39.94
CA LYS B 87 8.40 -9.98 40.88
C LYS B 87 8.52 -11.47 40.55
N SER B 88 8.15 -12.29 41.54
CA SER B 88 8.21 -13.74 41.35
C SER B 88 7.43 -14.17 40.11
N GLU B 89 6.29 -13.55 39.87
CA GLU B 89 5.48 -13.92 38.73
C GLU B 89 6.11 -13.54 37.39
N ASP B 90 7.27 -12.85 37.39
CA ASP B 90 7.96 -12.60 36.12
C ASP B 90 8.86 -13.75 35.68
N THR B 91 8.98 -14.80 36.50
CA THR B 91 9.83 -15.92 36.15
C THR B 91 9.31 -16.57 34.86
N ALA B 92 10.18 -16.71 33.88
CA ALA B 92 9.77 -17.21 32.57
C ALA B 92 11.01 -17.36 31.70
N MET B 93 10.85 -18.11 30.62
CA MET B 93 11.71 -17.96 29.46
C MET B 93 11.34 -16.69 28.69
N TYR B 94 12.32 -15.84 28.37
CA TYR B 94 12.13 -14.63 27.59
C TYR B 94 12.74 -14.83 26.20
N TYR B 95 11.99 -14.46 25.17
CA TYR B 95 12.44 -14.58 23.79
C TYR B 95 12.39 -13.23 23.09
N CYS B 96 13.49 -12.84 22.49
CA CYS B 96 13.34 -11.69 21.65
C CYS B 96 12.89 -12.12 20.25
N ALA B 97 12.36 -11.18 19.49
CA ALA B 97 11.73 -11.51 18.22
C ALA B 97 11.77 -10.26 17.34
N ALA B 98 11.66 -10.47 16.03
CA ALA B 98 11.72 -9.38 15.06
C ALA B 98 10.80 -9.68 13.89
N GLU B 99 10.27 -8.62 13.29
CA GLU B 99 9.26 -8.70 12.24
C GLU B 99 9.51 -7.51 11.32
N LEU B 100 9.82 -7.80 10.04
CA LEU B 100 10.07 -6.74 9.08
C LEU B 100 8.78 -6.12 8.55
N PHE B 101 7.62 -6.79 8.68
CA PHE B 101 6.39 -6.40 7.99
C PHE B 101 5.26 -6.07 8.96
N CYS B 102 5.60 -5.60 10.17
CA CYS B 102 4.62 -5.40 11.23
C CYS B 102 3.73 -4.17 10.99
N PRO B 103 2.57 -4.13 11.64
CA PRO B 103 1.72 -2.95 11.54
C PRO B 103 2.41 -1.78 12.20
N TRP B 104 2.13 -0.60 11.70
CA TRP B 104 2.86 0.58 12.10
C TRP B 104 2.04 1.77 11.63
N PRO B 105 1.90 2.83 12.42
CA PRO B 105 2.58 3.14 13.70
C PRO B 105 1.97 2.48 14.92
N ASP B 106 0.83 1.80 14.77
CA ASP B 106 0.22 1.12 15.92
C ASP B 106 0.84 -0.26 16.08
N ILE B 107 2.03 -0.30 16.67
CA ILE B 107 2.72 -1.59 16.78
C ILE B 107 2.16 -2.47 17.88
N GLY B 108 1.32 -1.94 18.76
CA GLY B 108 0.65 -2.73 19.76
C GLY B 108 -0.37 -3.73 19.24
N THR B 109 -0.69 -3.73 17.95
CA THR B 109 -1.75 -4.63 17.48
C THR B 109 -1.21 -5.99 17.06
N MET B 110 0.10 -6.25 17.14
CA MET B 110 0.61 -7.60 16.84
C MET B 110 1.55 -8.07 17.96
N SER B 111 1.26 -9.22 18.52
CA SER B 111 2.11 -9.74 19.58
C SER B 111 3.49 -10.09 19.01
N PRO B 112 4.59 -9.83 19.75
CA PRO B 112 5.90 -10.36 19.31
C PRO B 112 5.91 -11.88 19.18
N ALA B 113 5.02 -12.60 19.85
CA ALA B 113 4.94 -14.05 19.65
C ALA B 113 4.52 -14.42 18.24
N GLU B 114 3.88 -13.52 17.51
CA GLU B 114 3.50 -13.75 16.13
C GLU B 114 4.59 -13.31 15.16
N TYR B 115 5.64 -12.67 15.66
CA TYR B 115 6.65 -12.18 14.73
C TYR B 115 7.36 -13.34 14.04
N LYS B 116 7.95 -13.03 12.91
CA LYS B 116 8.51 -14.10 12.09
C LYS B 116 9.80 -14.67 12.64
N TYR B 117 10.68 -13.84 13.19
CA TYR B 117 11.98 -14.28 13.65
C TYR B 117 11.97 -14.30 15.17
N TRP B 118 12.44 -15.40 15.76
CA TRP B 118 12.57 -15.55 17.20
C TRP B 118 14.01 -15.85 17.60
N GLY B 119 14.45 -15.31 18.77
CA GLY B 119 15.73 -15.70 19.34
C GLY B 119 15.63 -17.04 20.07
N GLN B 120 16.78 -17.52 20.58
CA GLN B 120 16.80 -18.80 21.29
C GLN B 120 16.06 -18.75 22.62
N GLY B 121 16.03 -17.61 23.29
CA GLY B 121 15.32 -17.62 24.55
C GLY B 121 16.24 -17.77 25.74
N THR B 122 15.95 -17.07 26.83
CA THR B 122 16.82 -17.04 27.98
C THR B 122 15.97 -17.13 29.25
N GLN B 123 16.43 -17.89 30.23
CA GLN B 123 15.67 -18.05 31.46
C GLN B 123 15.90 -16.86 32.38
N VAL B 124 14.81 -16.33 32.92
CA VAL B 124 14.84 -15.32 33.97
C VAL B 124 14.09 -15.88 35.15
N THR B 125 14.77 -16.01 36.29
CA THR B 125 14.15 -16.60 37.48
C THR B 125 14.17 -15.59 38.61
N VAL B 126 12.99 -15.21 39.10
CA VAL B 126 12.85 -14.21 40.14
C VAL B 126 12.39 -14.91 41.39
N SER B 127 13.18 -14.80 42.44
CA SER B 127 12.91 -15.56 43.65
C SER B 127 12.46 -14.64 44.77
N SER B 128 11.59 -15.19 45.63
CA SER B 128 10.95 -14.54 46.79
C SER B 128 9.79 -13.65 46.33
N VAL C 2 2.39 -7.33 -29.31
CA VAL C 2 0.98 -7.03 -29.08
C VAL C 2 0.56 -5.79 -29.88
N GLN C 3 -0.63 -5.82 -30.48
CA GLN C 3 -1.13 -4.60 -31.07
C GLN C 3 -2.65 -4.63 -31.10
N LEU C 4 -3.24 -3.44 -31.00
CA LEU C 4 -4.68 -3.26 -30.82
C LEU C 4 -5.15 -2.38 -31.97
N GLN C 5 -6.19 -2.79 -32.69
CA GLN C 5 -6.64 -2.01 -33.84
C GLN C 5 -8.07 -1.56 -33.63
N GLU C 6 -8.27 -0.24 -33.49
CA GLU C 6 -9.61 0.33 -33.50
C GLU C 6 -10.20 0.42 -34.90
N SER C 7 -11.53 0.52 -34.91
CA SER C 7 -12.38 0.84 -36.05
C SER C 7 -13.74 1.20 -35.48
N GLY C 8 -14.57 1.84 -36.31
CA GLY C 8 -15.96 2.11 -35.97
C GLY C 8 -16.30 3.57 -35.70
N GLY C 9 -15.32 4.47 -35.64
CA GLY C 9 -15.58 5.88 -35.40
C GLY C 9 -16.31 6.53 -36.57
N GLY C 10 -16.66 7.80 -36.38
CA GLY C 10 -17.43 8.52 -37.38
C GLY C 10 -18.11 9.75 -36.77
N SER C 11 -19.15 10.22 -37.46
CA SER C 11 -19.87 11.42 -37.06
C SER C 11 -21.37 11.16 -37.05
N VAL C 12 -22.04 11.54 -35.93
CA VAL C 12 -23.50 11.46 -35.80
C VAL C 12 -24.02 12.77 -35.22
N GLN C 13 -25.34 12.83 -35.07
CA GLN C 13 -26.03 13.93 -34.41
C GLN C 13 -26.51 13.49 -33.02
N ALA C 14 -27.11 14.44 -32.29
CA ALA C 14 -27.48 14.21 -30.90
C ALA C 14 -28.46 13.06 -30.76
N GLY C 15 -28.18 12.17 -29.82
CA GLY C 15 -28.99 11.00 -29.59
C GLY C 15 -28.61 9.79 -30.42
N GLY C 16 -27.70 9.93 -31.40
CA GLY C 16 -27.29 8.84 -32.26
C GLY C 16 -26.38 7.83 -31.56
N SER C 17 -25.92 6.87 -32.35
CA SER C 17 -25.19 5.73 -31.82
C SER C 17 -23.98 5.42 -32.68
N LEU C 18 -22.88 5.00 -32.05
CA LEU C 18 -21.83 4.27 -32.77
C LEU C 18 -21.45 3.03 -31.98
N ARG C 19 -20.71 2.15 -32.65
CA ARG C 19 -20.15 0.96 -32.01
C ARG C 19 -18.69 0.93 -32.41
N LEU C 20 -17.80 1.17 -31.44
CA LEU C 20 -16.38 1.03 -31.67
C LEU C 20 -15.95 -0.42 -31.46
N SER C 21 -14.86 -0.81 -32.11
CA SER C 21 -14.33 -2.15 -31.98
C SER C 21 -12.82 -2.08 -31.93
N CYS C 22 -12.22 -3.08 -31.29
CA CYS C 22 -10.77 -3.10 -31.09
C CYS C 22 -10.32 -4.55 -31.19
N ALA C 23 -9.64 -4.89 -32.28
CA ALA C 23 -9.17 -6.25 -32.52
C ALA C 23 -7.74 -6.41 -32.00
N ALA C 24 -7.54 -7.39 -31.13
CA ALA C 24 -6.23 -7.64 -30.54
C ALA C 24 -5.43 -8.62 -31.39
N SER C 25 -4.11 -8.44 -31.38
CA SER C 25 -3.23 -9.31 -32.15
C SER C 25 -2.33 -10.15 -31.26
N GLY C 26 -1.21 -9.60 -30.82
CA GLY C 26 -0.29 -10.38 -30.01
C GLY C 26 -0.73 -10.57 -28.57
N TYR C 27 -2.04 -10.64 -28.34
CA TYR C 27 -2.61 -10.66 -27.00
C TYR C 27 -3.04 -12.08 -26.66
N THR C 28 -2.34 -12.70 -25.72
CA THR C 28 -2.62 -14.09 -25.35
C THR C 28 -2.77 -14.24 -23.84
N TYR C 29 -3.27 -13.20 -23.17
CA TYR C 29 -3.22 -13.16 -21.72
C TYR C 29 -4.45 -13.83 -21.11
N SER C 30 -4.20 -14.69 -20.12
CA SER C 30 -5.25 -15.37 -19.37
C SER C 30 -6.06 -14.39 -18.52
N THR C 31 -5.40 -13.60 -17.67
CA THR C 31 -6.07 -12.63 -16.80
C THR C 31 -5.66 -11.23 -17.25
N TYR C 32 -6.62 -10.33 -17.39
CA TYR C 32 -6.33 -9.01 -17.96
C TYR C 32 -7.44 -8.03 -17.59
N CYS C 33 -7.17 -6.75 -17.87
CA CYS C 33 -8.20 -5.71 -17.87
C CYS C 33 -8.03 -4.86 -19.13
N MET C 34 -9.16 -4.57 -19.78
CA MET C 34 -9.16 -3.80 -21.01
C MET C 34 -10.10 -2.60 -20.87
N GLY C 35 -9.85 -1.56 -21.66
CA GLY C 35 -10.62 -0.35 -21.44
C GLY C 35 -10.70 0.52 -22.67
N TRP C 36 -11.63 1.48 -22.59
CA TRP C 36 -11.78 2.54 -23.60
C TRP C 36 -11.49 3.89 -22.93
N PHE C 37 -10.76 4.74 -23.64
CA PHE C 37 -10.38 6.05 -23.13
C PHE C 37 -10.68 7.10 -24.19
N ARG C 38 -10.95 8.32 -23.75
CA ARG C 38 -11.17 9.39 -24.71
C ARG C 38 -10.34 10.61 -24.37
N GLN C 39 -10.06 11.41 -25.39
CA GLN C 39 -9.22 12.59 -25.27
C GLN C 39 -9.83 13.65 -26.17
N ALA C 40 -10.35 14.72 -25.59
CA ALA C 40 -10.83 15.84 -26.39
C ALA C 40 -9.66 16.76 -26.75
N PRO C 41 -9.82 17.63 -27.77
CA PRO C 41 -8.67 18.44 -28.20
C PRO C 41 -8.17 19.37 -27.10
N GLY C 42 -6.85 19.35 -26.89
CA GLY C 42 -6.22 20.10 -25.81
C GLY C 42 -6.53 19.64 -24.40
N LYS C 43 -7.14 18.47 -24.23
CA LYS C 43 -7.45 17.96 -22.90
C LYS C 43 -6.71 16.65 -22.65
N GLU C 44 -6.74 16.23 -21.39
CA GLU C 44 -6.06 15.01 -20.97
C GLU C 44 -6.92 13.78 -21.26
N ARG C 45 -6.26 12.65 -21.40
CA ARG C 45 -6.95 11.42 -21.77
C ARG C 45 -7.64 10.85 -20.53
N GLU C 46 -8.92 10.48 -20.68
CA GLU C 46 -9.79 10.10 -19.58
C GLU C 46 -10.40 8.73 -19.84
N GLY C 47 -10.59 7.94 -18.79
CA GLY C 47 -11.19 6.62 -18.95
C GLY C 47 -12.71 6.69 -19.06
N VAL C 48 -13.29 5.79 -19.87
CA VAL C 48 -14.74 5.77 -20.07
C VAL C 48 -15.35 4.44 -19.66
N ALA C 49 -14.63 3.33 -19.84
CA ALA C 49 -15.18 2.03 -19.49
C ALA C 49 -14.09 0.99 -19.50
N THR C 50 -14.22 -0.01 -18.61
CA THR C 50 -13.27 -1.10 -18.54
C THR C 50 -14.03 -2.41 -18.34
N ILE C 51 -13.39 -3.50 -18.75
CA ILE C 51 -13.90 -4.85 -18.52
C ILE C 51 -12.71 -5.77 -18.29
N ASP C 52 -12.80 -6.64 -17.28
CA ASP C 52 -11.69 -7.53 -16.96
C ASP C 52 -11.96 -8.93 -17.52
N SER C 53 -10.99 -9.83 -17.34
CA SER C 53 -11.15 -11.19 -17.84
C SER C 53 -12.26 -11.95 -17.12
N ASP C 54 -12.82 -11.42 -16.05
CA ASP C 54 -13.93 -12.08 -15.38
C ASP C 54 -15.29 -11.55 -15.84
N GLY C 55 -15.30 -10.55 -16.72
CA GLY C 55 -16.56 -9.93 -17.14
C GLY C 55 -17.02 -8.78 -16.28
N ARG C 56 -16.27 -8.39 -15.25
CA ARG C 56 -16.68 -7.25 -14.42
C ARG C 56 -16.48 -5.96 -15.21
N THR C 57 -17.52 -5.13 -15.33
CA THR C 57 -17.42 -3.89 -16.06
C THR C 57 -17.38 -2.70 -15.10
N ARG C 58 -16.85 -1.59 -15.58
CA ARG C 58 -16.83 -0.36 -14.80
C ARG C 58 -16.94 0.81 -15.78
N TYR C 59 -17.74 1.82 -15.42
CA TYR C 59 -18.03 2.94 -16.30
C TYR C 59 -17.74 4.26 -15.61
N ALA C 60 -17.23 5.23 -16.36
CA ALA C 60 -17.21 6.60 -15.88
C ALA C 60 -18.63 7.11 -15.68
N ASP C 61 -18.78 8.04 -14.72
CA ASP C 61 -20.11 8.57 -14.39
C ASP C 61 -20.77 9.28 -15.57
N SER C 62 -19.98 9.97 -16.39
CA SER C 62 -20.56 10.69 -17.52
C SER C 62 -21.16 9.77 -18.58
N VAL C 63 -20.90 8.45 -18.54
CA VAL C 63 -21.38 7.60 -19.63
C VAL C 63 -22.25 6.44 -19.13
N LYS C 64 -22.28 6.21 -17.83
CA LYS C 64 -23.06 5.09 -17.32
C LYS C 64 -24.49 5.17 -17.83
N GLY C 65 -25.02 4.01 -18.24
CA GLY C 65 -26.34 3.92 -18.83
C GLY C 65 -26.42 4.21 -20.32
N ARG C 66 -25.39 4.83 -20.91
CA ARG C 66 -25.44 5.09 -22.35
C ARG C 66 -24.47 4.24 -23.15
N PHE C 67 -23.34 3.86 -22.56
CA PHE C 67 -22.29 3.11 -23.22
C PHE C 67 -22.24 1.71 -22.63
N THR C 68 -21.97 0.72 -23.47
CA THR C 68 -21.79 -0.65 -23.01
C THR C 68 -20.48 -1.20 -23.55
N ILE C 69 -19.62 -1.69 -22.66
CA ILE C 69 -18.37 -2.32 -23.06
C ILE C 69 -18.59 -3.84 -23.07
N SER C 70 -18.06 -4.53 -24.09
CA SER C 70 -18.13 -5.99 -24.09
C SER C 70 -16.91 -6.55 -24.81
N GLU C 71 -16.64 -7.84 -24.57
CA GLU C 71 -15.45 -8.52 -25.09
C GLU C 71 -15.87 -9.80 -25.80
N ASP C 72 -15.34 -10.02 -27.00
CA ASP C 72 -15.55 -11.27 -27.75
C ASP C 72 -14.25 -12.08 -27.66
N ASN C 73 -14.25 -13.10 -26.78
CA ASN C 73 -13.03 -13.88 -26.58
C ASN C 73 -12.73 -14.78 -27.78
N ALA C 74 -13.77 -15.26 -28.49
CA ALA C 74 -13.53 -16.03 -29.69
C ALA C 74 -12.83 -15.19 -30.77
N LYS C 75 -13.22 -13.92 -30.90
CA LYS C 75 -12.71 -13.03 -31.93
C LYS C 75 -11.59 -12.12 -31.44
N ASN C 76 -11.21 -12.21 -30.16
CA ASN C 76 -10.22 -11.33 -29.54
C ASN C 76 -10.47 -9.86 -29.91
N THR C 77 -11.72 -9.44 -29.73
CA THR C 77 -12.10 -8.07 -30.06
C THR C 77 -12.93 -7.47 -28.95
N LEU C 78 -12.59 -6.23 -28.60
CA LEU C 78 -13.27 -5.43 -27.60
C LEU C 78 -14.20 -4.44 -28.29
N TYR C 79 -15.36 -4.21 -27.71
CA TYR C 79 -16.38 -3.34 -28.28
C TYR C 79 -16.79 -2.25 -27.28
N LEU C 80 -17.20 -1.10 -27.81
CA LEU C 80 -17.87 -0.07 -27.01
C LEU C 80 -19.15 0.28 -27.76
N GLN C 81 -20.31 -0.09 -27.22
CA GLN C 81 -21.56 0.34 -27.83
C GLN C 81 -21.90 1.69 -27.22
N MET C 82 -21.94 2.72 -28.06
CA MET C 82 -22.17 4.10 -27.65
C MET C 82 -23.55 4.51 -28.16
N ASN C 83 -24.50 4.63 -27.26
CA ASN C 83 -25.84 5.15 -27.51
C ASN C 83 -25.97 6.54 -26.88
N SER C 84 -27.07 7.25 -27.18
CA SER C 84 -27.35 8.54 -26.54
C SER C 84 -26.28 9.59 -26.80
N LEU C 85 -25.59 9.55 -27.92
CA LEU C 85 -24.45 10.45 -28.01
C LEU C 85 -24.89 11.91 -27.86
N LYS C 86 -24.09 12.64 -27.13
CA LYS C 86 -24.22 14.02 -26.79
C LYS C 86 -23.02 14.75 -27.34
N PRO C 87 -23.14 16.03 -27.68
CA PRO C 87 -21.97 16.74 -28.15
C PRO C 87 -20.77 16.58 -27.23
N GLU C 88 -21.02 16.34 -25.94
CA GLU C 88 -19.95 16.35 -24.95
C GLU C 88 -19.05 15.16 -25.20
N ASP C 89 -19.54 14.20 -26.00
CA ASP C 89 -18.83 12.95 -26.20
C ASP C 89 -17.81 13.04 -27.34
N THR C 90 -17.73 14.16 -28.05
CA THR C 90 -16.78 14.30 -29.15
C THR C 90 -15.34 14.21 -28.65
N ALA C 91 -14.55 13.31 -29.24
CA ALA C 91 -13.14 13.09 -28.86
C ALA C 91 -12.50 12.03 -29.75
N MET C 92 -11.17 11.94 -29.68
CA MET C 92 -10.47 10.71 -30.05
C MET C 92 -10.70 9.67 -28.99
N TYR C 93 -11.12 8.47 -29.40
CA TYR C 93 -11.32 7.36 -28.48
C TYR C 93 -10.27 6.28 -28.70
N TYR C 94 -9.73 5.76 -27.60
CA TYR C 94 -8.60 4.84 -27.65
C TYR C 94 -8.95 3.55 -26.92
N CYS C 95 -8.64 2.44 -27.56
CA CYS C 95 -8.61 1.13 -26.93
C CYS C 95 -7.31 0.96 -26.15
N ALA C 96 -7.38 0.32 -24.98
CA ALA C 96 -6.15 0.04 -24.21
C ALA C 96 -6.29 -1.27 -23.45
N ALA C 97 -5.15 -1.86 -23.08
CA ALA C 97 -5.14 -3.18 -22.47
C ALA C 97 -3.91 -3.34 -21.60
N ASP C 98 -4.05 -4.14 -20.53
CA ASP C 98 -2.92 -4.46 -19.67
C ASP C 98 -3.01 -5.94 -19.32
N SER C 99 -2.19 -6.36 -18.38
CA SER C 99 -1.99 -7.79 -18.16
C SER C 99 -1.78 -8.02 -16.68
N GLY C 100 -2.28 -9.16 -16.16
CA GLY C 100 -1.91 -9.65 -14.86
C GLY C 100 -2.77 -9.22 -13.68
N TRP C 101 -3.80 -8.40 -13.90
CA TRP C 101 -4.70 -8.04 -12.81
C TRP C 101 -6.13 -7.98 -13.32
N VAL C 102 -7.06 -8.21 -12.41
CA VAL C 102 -8.47 -8.05 -12.72
C VAL C 102 -8.99 -6.86 -11.91
N GLY C 103 -10.23 -6.50 -12.16
CA GLY C 103 -10.81 -5.34 -11.51
C GLY C 103 -10.99 -4.20 -12.50
N TYR C 104 -10.69 -2.98 -12.07
CA TYR C 104 -10.84 -1.85 -12.97
C TYR C 104 -9.81 -0.77 -12.64
N SER C 105 -9.52 0.03 -13.65
CA SER C 105 -8.82 1.31 -13.44
C SER C 105 -9.21 2.24 -14.56
N LEU C 106 -9.66 3.43 -14.22
CA LEU C 106 -9.93 4.44 -15.24
C LEU C 106 -8.70 5.29 -15.55
N ASP C 107 -7.53 4.88 -15.06
CA ASP C 107 -6.31 5.65 -15.21
C ASP C 107 -5.57 5.19 -16.45
N PRO C 108 -5.45 6.01 -17.51
CA PRO C 108 -4.75 5.59 -18.73
C PRO C 108 -3.36 5.04 -18.52
N TYR C 109 -2.63 5.53 -17.53
CA TYR C 109 -1.25 5.15 -17.38
C TYR C 109 -1.08 3.80 -16.70
N GLN C 110 -2.17 3.15 -16.29
CA GLN C 110 -2.06 1.80 -15.77
C GLN C 110 -2.17 0.75 -16.85
N TYR C 111 -2.23 1.17 -18.12
CA TYR C 111 -2.38 0.28 -19.26
C TYR C 111 -1.16 0.40 -20.15
N ASN C 112 -0.56 -0.74 -20.46
CA ASN C 112 0.71 -0.79 -21.17
C ASN C 112 0.54 -0.81 -22.68
N TYR C 113 -0.62 -1.24 -23.17
CA TYR C 113 -0.87 -1.43 -24.60
C TYR C 113 -1.95 -0.46 -25.08
N TRP C 114 -1.73 0.15 -26.24
CA TRP C 114 -2.57 1.25 -26.73
C TRP C 114 -2.93 1.06 -28.18
N GLY C 115 -4.13 1.52 -28.54
CA GLY C 115 -4.58 1.55 -29.92
C GLY C 115 -4.34 2.91 -30.56
N GLN C 116 -4.55 2.96 -31.89
CA GLN C 116 -4.30 4.16 -32.68
C GLN C 116 -5.26 5.29 -32.32
N GLY C 117 -6.49 4.94 -31.96
CA GLY C 117 -7.50 5.94 -31.70
C GLY C 117 -8.32 6.26 -32.91
N THR C 118 -9.63 6.36 -32.73
CA THR C 118 -10.54 6.74 -33.80
C THR C 118 -11.35 7.97 -33.35
N GLN C 119 -11.83 8.73 -34.33
CA GLN C 119 -12.48 10.01 -34.05
C GLN C 119 -14.00 9.83 -33.96
N VAL C 120 -14.60 10.39 -32.91
CA VAL C 120 -16.04 10.41 -32.75
C VAL C 120 -16.47 11.88 -32.63
N THR C 121 -17.31 12.32 -33.55
CA THR C 121 -17.85 13.67 -33.55
C THR C 121 -19.37 13.59 -33.37
N VAL C 122 -19.90 14.34 -32.41
CA VAL C 122 -21.34 14.43 -32.22
C VAL C 122 -21.70 15.91 -32.34
N SER C 123 -22.48 16.24 -33.35
CA SER C 123 -22.73 17.66 -33.63
C SER C 123 -24.14 18.05 -33.23
#